data_4DDS
#
_entry.id   4DDS
#
_cell.length_a   45.245
_cell.length_b   106.941
_cell.length_c   47.681
_cell.angle_alpha   90.000
_cell.angle_beta   100.970
_cell.angle_gamma   90.000
#
_symmetry.space_group_name_H-M   'P 1 21 1'
#
loop_
_entity.id
_entity.type
_entity.pdbx_description
1 polymer Beta-lactamase
2 non-polymer 3-(pyrimidin-2-yl)-N-[3-(1H-tetrazol-5-yl)phenyl]benzamide
3 non-polymer 'DIMETHYL SULFOXIDE'
4 water water
#
_entity_poly.entity_id   1
_entity_poly.type   'polypeptide(L)'
_entity_poly.pdbx_seq_one_letter_code
;(PCA)TSAVQQKLAALEKSSGGRLGVALIDTADNTQVLYRGDERFPMCSTSKVMAAAAVLKQSETQKQLLNQPVEIKPAD
LVNYNPIAEKHVNGTMTLAELSAAALQYSDNTAMNKLIAQLGGPGGVTAFARAIGDETFRLDRTEPTLNTAIPGDPRDTT
TPRAMAQTLRQLTLGHALGETQRAQLVTWLKGNTTGAASIRAGLPTSWTAGDKTGSGDYGTTNDIAVIWPQGRAPLVLVT
YFTQPQQNAESRRDVLASAARIIAEGL
;
_entity_poly.pdbx_strand_id   A,B
#
loop_
_chem_comp.id
_chem_comp.type
_chem_comp.name
_chem_comp.formula
0J7 non-polymer 3-(pyrimidin-2-yl)-N-[3-(1H-tetrazol-5-yl)phenyl]benzamide 'C18 H13 N7 O'
DMS non-polymer 'DIMETHYL SULFOXIDE' 'C2 H6 O S'
#
# COMPACT_ATOMS: atom_id res chain seq x y z
N ALA A 4 -4.22 -2.21 0.54
CA ALA A 4 -5.26 -3.27 0.62
C ALA A 4 -4.64 -4.57 1.10
N VAL A 5 -3.46 -4.90 0.56
CA VAL A 5 -2.67 -5.99 1.11
C VAL A 5 -2.35 -5.70 2.58
N GLN A 6 -2.05 -4.44 2.88
CA GLN A 6 -1.82 -4.05 4.26
C GLN A 6 -3.04 -4.24 5.16
N GLN A 7 -4.23 -3.95 4.63
CA GLN A 7 -5.42 -4.18 5.43
C GLN A 7 -5.69 -5.66 5.68
N LYS A 8 -5.45 -6.49 4.66
CA LYS A 8 -5.58 -7.95 4.85
C LYS A 8 -4.55 -8.47 5.89
N LEU A 9 -3.31 -7.97 5.81
CA LEU A 9 -2.28 -8.39 6.78
C LEU A 9 -2.62 -7.87 8.18
N ALA A 10 -3.25 -6.69 8.24
CA ALA A 10 -3.69 -6.19 9.56
C ALA A 10 -4.80 -7.06 10.16
N ALA A 11 -5.71 -7.55 9.31
CA ALA A 11 -6.78 -8.43 9.79
C ALA A 11 -6.21 -9.77 10.26
N LEU A 12 -5.30 -10.36 9.49
CA LEU A 12 -4.61 -11.57 9.89
C LEU A 12 -3.93 -11.36 11.25
N GLU A 13 -3.20 -10.25 11.37
CA GLU A 13 -2.51 -9.98 12.61
C GLU A 13 -3.49 -9.88 13.78
N LYS A 14 -4.58 -9.15 13.59
CA LYS A 14 -5.55 -8.99 14.67
C LYS A 14 -6.13 -10.32 15.15
N SER A 15 -6.53 -11.18 14.21
CA SER A 15 -7.10 -12.46 14.61
C SER A 15 -6.08 -13.38 15.25
N SER A 16 -4.81 -13.17 14.91
CA SER A 16 -3.73 -14.03 15.40
C SER A 16 -3.39 -13.76 16.86
N GLY A 17 -3.70 -12.57 17.33
CA GLY A 17 -3.34 -12.17 18.70
C GLY A 17 -1.91 -11.64 18.87
N GLY A 18 -1.08 -11.76 17.83
CA GLY A 18 0.33 -11.39 17.93
C GLY A 18 0.74 -10.19 17.09
N ARG A 19 2.03 -10.08 16.81
CA ARG A 19 2.58 -8.99 16.07
C ARG A 19 3.30 -9.56 14.85
N LEU A 20 2.87 -9.14 13.66
N LEU A 20 2.96 -9.03 13.67
CA LEU A 20 3.35 -9.66 12.38
CA LEU A 20 3.32 -9.61 12.38
C LEU A 20 4.20 -8.59 11.70
C LEU A 20 4.13 -8.59 11.58
N GLY A 21 5.29 -9.01 11.06
CA GLY A 21 6.12 -8.13 10.25
C GLY A 21 6.39 -8.77 8.90
N VAL A 22 6.19 -8.04 7.82
CA VAL A 22 6.33 -8.59 6.48
C VAL A 22 7.14 -7.65 5.61
N ALA A 23 8.05 -8.17 4.80
CA ALA A 23 8.67 -7.38 3.75
C ALA A 23 8.80 -8.21 2.51
N LEU A 24 8.20 -7.73 1.44
CA LEU A 24 8.37 -8.31 0.10
C LEU A 24 9.21 -7.39 -0.78
N ILE A 25 10.16 -7.96 -1.52
CA ILE A 25 10.76 -7.27 -2.64
C ILE A 25 10.45 -8.06 -3.89
N ASP A 26 9.84 -7.40 -4.86
CA ASP A 26 9.55 -8.01 -6.15
C ASP A 26 10.61 -7.53 -7.12
N THR A 27 11.53 -8.42 -7.50
CA THR A 27 12.62 -7.98 -8.37
C THR A 27 12.18 -7.68 -9.82
N ALA A 28 10.92 -7.96 -10.15
CA ALA A 28 10.38 -7.60 -11.48
C ALA A 28 10.45 -6.10 -11.69
N ASP A 29 10.22 -5.34 -10.62
CA ASP A 29 10.16 -3.87 -10.69
C ASP A 29 10.80 -3.20 -9.48
N ASN A 30 11.41 -4.01 -8.61
CA ASN A 30 12.11 -3.51 -7.42
C ASN A 30 11.20 -2.80 -6.43
N THR A 31 9.91 -3.10 -6.51
CA THR A 31 8.98 -2.55 -5.55
C THR A 31 8.83 -3.42 -4.29
N GLN A 32 8.31 -2.79 -3.24
CA GLN A 32 8.28 -3.40 -1.92
C GLN A 32 6.87 -3.34 -1.36
N VAL A 33 6.50 -4.35 -0.60
CA VAL A 33 5.33 -4.30 0.26
C VAL A 33 5.84 -4.50 1.67
N LEU A 34 5.53 -3.69 2.57
CA LEU A 34 5.96 -3.68 3.96
C LEU A 34 4.77 -3.67 4.89
N TYR A 35 4.85 -4.43 5.97
CA TYR A 35 3.90 -4.32 7.05
C TYR A 35 4.74 -4.40 8.34
N ARG A 36 4.69 -3.35 9.17
CA ARG A 36 5.65 -3.20 10.29
C ARG A 36 7.09 -3.41 9.80
N GLY A 37 7.41 -2.88 8.62
CA GLY A 37 8.68 -3.22 7.96
C GLY A 37 9.88 -2.66 8.69
N ASP A 38 9.65 -1.62 9.49
CA ASP A 38 10.74 -0.96 10.25
C ASP A 38 10.66 -1.21 11.75
N GLU A 39 9.84 -2.17 12.17
CA GLU A 39 9.87 -2.59 13.56
C GLU A 39 10.83 -3.76 13.74
N ARG A 40 11.46 -3.80 14.91
CA ARG A 40 12.36 -4.92 15.23
C ARG A 40 11.64 -6.16 15.67
N PHE A 41 12.17 -7.30 15.21
CA PHE A 41 11.69 -8.62 15.63
C PHE A 41 12.88 -9.50 15.97
N PRO A 42 12.70 -10.45 16.89
CA PRO A 42 13.78 -11.42 17.16
C PRO A 42 13.94 -12.32 15.94
N MET A 43 15.16 -12.42 15.41
CA MET A 43 15.42 -13.23 14.22
C MET A 43 15.31 -14.73 14.46
N CYS A 44 15.70 -15.18 15.64
CA CYS A 44 15.86 -16.60 15.91
C CYS A 44 16.72 -17.21 14.79
N SER A 45 16.39 -18.45 14.34
CA SER A 45 17.27 -19.15 13.44
C SER A 45 17.35 -18.57 12.06
N THR A 46 16.53 -17.56 11.73
CA THR A 46 16.78 -16.87 10.46
C THR A 46 18.14 -16.21 10.39
N SER A 47 18.72 -15.94 11.56
CA SER A 47 20.08 -15.41 11.63
C SER A 47 21.13 -16.38 11.11
N LYS A 48 20.79 -17.68 11.00
CA LYS A 48 21.75 -18.66 10.50
C LYS A 48 22.14 -18.37 9.08
N VAL A 49 21.28 -17.70 8.32
CA VAL A 49 21.64 -17.28 6.97
C VAL A 49 22.83 -16.33 6.99
N MET A 50 22.79 -15.33 7.86
CA MET A 50 23.86 -14.34 7.91
C MET A 50 25.20 -14.99 8.33
N ALA A 51 25.15 -15.92 9.28
CA ALA A 51 26.36 -16.62 9.73
C ALA A 51 26.95 -17.46 8.61
N ALA A 52 26.12 -18.23 7.92
CA ALA A 52 26.59 -19.06 6.81
C ALA A 52 27.15 -18.20 5.71
N ALA A 53 26.45 -17.09 5.40
CA ALA A 53 26.92 -16.20 4.36
C ALA A 53 28.29 -15.58 4.70
N ALA A 54 28.48 -15.22 5.97
CA ALA A 54 29.74 -14.65 6.42
C ALA A 54 30.90 -15.64 6.19
N VAL A 55 30.67 -16.92 6.46
CA VAL A 55 31.68 -17.95 6.21
C VAL A 55 31.93 -18.13 4.72
N LEU A 56 30.86 -18.09 3.93
CA LEU A 56 31.03 -18.16 2.48
C LEU A 56 31.90 -16.99 2.00
N LYS A 57 31.67 -15.79 2.54
CA LYS A 57 32.48 -14.65 2.17
C LYS A 57 33.96 -14.91 2.49
N GLN A 58 34.24 -15.46 3.67
CA GLN A 58 35.61 -15.77 4.05
C GLN A 58 36.19 -16.77 3.03
N SER A 59 35.37 -17.71 2.56
CA SER A 59 35.87 -18.75 1.65
C SER A 59 36.25 -18.23 0.29
N GLU A 60 35.86 -16.99 -0.02
CA GLU A 60 36.26 -16.38 -1.30
C GLU A 60 37.78 -16.18 -1.38
N THR A 61 38.42 -15.94 -0.23
CA THR A 61 39.88 -15.70 -0.25
C THR A 61 40.64 -16.85 0.38
N GLN A 62 39.91 -17.90 0.75
CA GLN A 62 40.50 -19.18 1.17
C GLN A 62 39.73 -20.30 0.52
N LYS A 63 40.18 -20.71 -0.65
CA LYS A 63 39.43 -21.63 -1.48
C LYS A 63 39.18 -22.98 -0.80
N GLN A 64 40.03 -23.32 0.18
CA GLN A 64 39.85 -24.53 0.99
C GLN A 64 39.09 -24.40 2.31
N LEU A 65 38.58 -23.21 2.65
CA LEU A 65 38.00 -23.00 3.99
C LEU A 65 36.82 -23.95 4.25
N LEU A 66 35.96 -24.14 3.25
CA LEU A 66 34.79 -24.96 3.48
C LEU A 66 35.15 -26.43 3.76
N ASN A 67 36.36 -26.85 3.43
CA ASN A 67 36.82 -28.21 3.75
C ASN A 67 37.55 -28.29 5.10
N GLN A 68 37.65 -27.17 5.81
CA GLN A 68 38.39 -27.15 7.07
C GLN A 68 37.62 -27.92 8.14
N PRO A 69 38.26 -28.90 8.82
CA PRO A 69 37.56 -29.62 9.88
C PRO A 69 37.47 -28.82 11.16
N VAL A 70 36.36 -28.96 11.86
CA VAL A 70 36.10 -28.32 13.15
C VAL A 70 35.70 -29.42 14.15
N GLU A 71 36.39 -29.47 15.30
CA GLU A 71 36.12 -30.49 16.33
C GLU A 71 34.77 -30.25 16.97
N ILE A 72 34.00 -31.34 17.10
CA ILE A 72 32.76 -31.32 17.84
C ILE A 72 32.98 -32.14 19.12
N LYS A 73 33.00 -31.48 20.28
CA LYS A 73 33.18 -32.16 21.56
C LYS A 73 31.82 -32.33 22.28
N PRO A 74 31.72 -33.29 23.21
CA PRO A 74 30.42 -33.47 23.86
C PRO A 74 29.89 -32.16 24.47
N ALA A 75 30.79 -31.37 25.05
CA ALA A 75 30.42 -30.13 25.70
C ALA A 75 29.86 -29.10 24.73
N ASP A 76 30.12 -29.29 23.43
CA ASP A 76 29.67 -28.34 22.39
C ASP A 76 28.19 -28.53 22.07
N LEU A 77 27.64 -29.71 22.33
CA LEU A 77 26.23 -29.95 22.00
C LEU A 77 25.35 -29.04 22.85
N VAL A 78 24.39 -28.40 22.20
CA VAL A 78 23.41 -27.61 22.91
C VAL A 78 22.04 -28.34 22.87
N ASN A 79 20.99 -27.68 22.45
CA ASN A 79 19.63 -28.20 22.68
C ASN A 79 18.96 -28.74 21.43
N TYR A 80 19.59 -28.60 20.27
CA TYR A 80 19.01 -29.13 19.05
C TYR A 80 20.14 -29.32 18.07
N ASN A 81 20.57 -30.58 17.96
CA ASN A 81 21.84 -30.91 17.33
C ASN A 81 21.69 -32.16 16.45
N PRO A 82 20.71 -32.17 15.54
CA PRO A 82 20.40 -33.40 14.81
C PRO A 82 21.55 -33.93 13.95
N ILE A 83 22.41 -33.04 13.46
CA ILE A 83 23.55 -33.44 12.65
C ILE A 83 24.80 -33.52 13.54
N ALA A 84 25.05 -32.49 14.35
CA ALA A 84 26.30 -32.43 15.09
C ALA A 84 26.43 -33.57 16.09
N GLU A 85 25.33 -34.08 16.62
CA GLU A 85 25.41 -35.17 17.59
C GLU A 85 26.03 -36.42 16.98
N LYS A 86 25.88 -36.58 15.66
CA LYS A 86 26.47 -37.77 15.02
C LYS A 86 27.98 -37.70 14.91
N HIS A 87 28.54 -36.50 15.13
CA HIS A 87 29.97 -36.24 14.92
C HIS A 87 30.72 -35.89 16.19
N VAL A 88 30.10 -36.07 17.34
CA VAL A 88 30.76 -35.78 18.61
CA VAL A 88 30.76 -35.77 18.61
C VAL A 88 32.02 -36.64 18.75
N ASN A 89 33.08 -36.04 19.28
CA ASN A 89 34.40 -36.67 19.37
C ASN A 89 35.00 -36.91 17.99
N GLY A 90 34.43 -36.23 17.00
CA GLY A 90 34.97 -36.20 15.65
C GLY A 90 34.96 -34.77 15.14
N THR A 91 34.78 -34.62 13.84
CA THR A 91 34.82 -33.30 13.22
C THR A 91 33.75 -33.15 12.18
N MET A 92 33.45 -31.88 11.86
CA MET A 92 32.60 -31.51 10.72
C MET A 92 33.31 -30.42 9.97
N THR A 93 33.25 -30.43 8.64
CA THR A 93 33.83 -29.33 7.88
C THR A 93 32.92 -28.10 7.96
N LEU A 94 33.50 -26.94 7.65
CA LEU A 94 32.67 -25.75 7.61
C LEU A 94 31.54 -25.85 6.60
N ALA A 95 31.74 -26.56 5.48
CA ALA A 95 30.61 -26.81 4.57
C ALA A 95 29.53 -27.62 5.26
N GLU A 96 29.92 -28.71 5.92
CA GLU A 96 28.95 -29.53 6.62
C GLU A 96 28.22 -28.75 7.70
N LEU A 97 28.95 -27.88 8.41
CA LEU A 97 28.33 -27.09 9.49
C LEU A 97 27.35 -26.09 8.87
N SER A 98 27.71 -25.47 7.76
CA SER A 98 26.80 -24.51 7.08
C SER A 98 25.56 -25.23 6.60
N ALA A 99 25.72 -26.39 5.98
CA ALA A 99 24.55 -27.12 5.48
C ALA A 99 23.67 -27.56 6.65
N ALA A 100 24.29 -28.02 7.72
CA ALA A 100 23.52 -28.44 8.90
C ALA A 100 22.74 -27.28 9.53
N ALA A 101 23.42 -26.15 9.74
CA ALA A 101 22.76 -24.96 10.28
C ALA A 101 21.60 -24.51 9.39
N LEU A 102 21.81 -24.49 8.07
CA LEU A 102 20.79 -23.93 7.15
C LEU A 102 19.65 -24.91 6.91
N GLN A 103 20.00 -26.15 6.60
CA GLN A 103 18.98 -27.09 6.12
C GLN A 103 18.28 -27.88 7.21
N TYR A 104 18.93 -28.00 8.37
CA TYR A 104 18.34 -28.73 9.53
C TYR A 104 18.15 -27.83 10.75
N SER A 105 18.66 -26.59 10.67
CA SER A 105 18.55 -25.65 11.79
C SER A 105 19.35 -26.12 13.01
N ASP A 106 20.44 -26.85 12.77
CA ASP A 106 21.29 -27.36 13.87
C ASP A 106 21.96 -26.22 14.66
N ASN A 107 21.69 -26.19 15.96
CA ASN A 107 22.23 -25.12 16.82
C ASN A 107 23.71 -25.23 17.13
N THR A 108 24.23 -26.45 17.28
CA THR A 108 25.65 -26.62 17.47
C THR A 108 26.37 -26.14 16.23
N ALA A 109 25.84 -26.50 15.06
CA ALA A 109 26.44 -26.05 13.82
C ALA A 109 26.49 -24.53 13.76
N MET A 110 25.36 -23.86 14.06
CA MET A 110 25.39 -22.40 14.12
C MET A 110 26.46 -21.85 15.08
N ASN A 111 26.61 -22.47 16.23
CA ASN A 111 27.63 -21.97 17.17
C ASN A 111 29.01 -22.07 16.57
N LYS A 112 29.29 -23.12 15.79
CA LYS A 112 30.61 -23.25 15.15
C LYS A 112 30.80 -22.19 14.09
N LEU A 113 29.75 -21.83 13.35
CA LEU A 113 29.87 -20.74 12.40
C LEU A 113 30.13 -19.42 13.13
N ILE A 114 29.37 -19.15 14.19
CA ILE A 114 29.60 -17.94 15.00
C ILE A 114 31.07 -17.90 15.46
N ALA A 115 31.58 -19.02 15.97
CA ALA A 115 32.96 -19.05 16.50
C ALA A 115 33.96 -18.78 15.38
N GLN A 116 33.70 -19.28 14.18
CA GLN A 116 34.61 -19.10 13.05
C GLN A 116 34.71 -17.60 12.71
N LEU A 117 33.64 -16.84 12.98
N LEU A 117 33.65 -16.86 13.03
CA LEU A 117 33.63 -15.40 12.72
CA LEU A 117 33.56 -15.44 12.74
C LEU A 117 34.11 -14.57 13.92
C LEU A 117 33.96 -14.59 13.97
N GLY A 118 34.46 -15.23 15.01
CA GLY A 118 34.97 -14.52 16.20
C GLY A 118 33.93 -14.15 17.24
N GLY A 119 32.74 -14.70 17.10
CA GLY A 119 31.65 -14.44 18.02
C GLY A 119 30.49 -13.70 17.33
N PRO A 120 29.42 -13.45 18.07
CA PRO A 120 28.22 -12.86 17.46
C PRO A 120 28.52 -11.57 16.73
N GLY A 121 29.37 -10.74 17.32
CA GLY A 121 29.68 -9.48 16.68
C GLY A 121 30.45 -9.60 15.37
N GLY A 122 31.13 -10.72 15.14
CA GLY A 122 31.72 -10.93 13.82
C GLY A 122 30.68 -11.14 12.73
N VAL A 123 29.55 -11.72 13.10
CA VAL A 123 28.45 -11.85 12.17
C VAL A 123 27.83 -10.47 11.89
N THR A 124 27.61 -9.69 12.95
CA THR A 124 27.16 -8.31 12.77
C THR A 124 28.10 -7.51 11.86
N ALA A 125 29.42 -7.67 12.08
CA ALA A 125 30.41 -6.94 11.26
C ALA A 125 30.26 -7.29 9.79
N PHE A 126 30.02 -8.57 9.49
CA PHE A 126 29.77 -8.97 8.10
C PHE A 126 28.50 -8.31 7.56
N ALA A 127 27.42 -8.31 8.36
CA ALA A 127 26.21 -7.58 7.98
C ALA A 127 26.50 -6.13 7.61
N ARG A 128 27.27 -5.45 8.44
CA ARG A 128 27.58 -4.05 8.15
C ARG A 128 28.39 -3.94 6.86
N ALA A 129 29.29 -4.89 6.64
CA ALA A 129 30.16 -4.86 5.46
C ALA A 129 29.34 -4.98 4.15
N ILE A 130 28.18 -5.58 4.22
CA ILE A 130 27.37 -5.69 3.03
C ILE A 130 26.24 -4.68 3.00
N GLY A 131 26.29 -3.70 3.89
CA GLY A 131 25.33 -2.58 3.86
C GLY A 131 24.09 -2.71 4.74
N ASP A 132 24.05 -3.72 5.61
CA ASP A 132 22.92 -3.89 6.50
C ASP A 132 23.29 -3.24 7.82
N GLU A 133 22.65 -2.11 8.12
CA GLU A 133 22.96 -1.33 9.31
C GLU A 133 22.02 -1.68 10.44
N THR A 134 21.15 -2.67 10.21
CA THR A 134 20.06 -2.94 11.13
C THR A 134 20.27 -4.25 11.92
N PHE A 135 20.64 -5.30 11.20
CA PHE A 135 20.89 -6.62 11.78
C PHE A 135 21.81 -6.51 13.00
N ARG A 136 21.52 -7.27 14.07
CA ARG A 136 22.52 -7.40 15.14
C ARG A 136 22.41 -8.79 15.73
N LEU A 137 23.55 -9.46 15.82
CA LEU A 137 23.64 -10.74 16.53
C LEU A 137 24.45 -10.46 17.79
N ASP A 138 23.88 -10.79 18.94
CA ASP A 138 24.50 -10.44 20.22
C ASP A 138 24.87 -11.67 21.04
N ARG A 139 24.22 -12.80 20.78
CA ARG A 139 24.35 -14.01 21.60
C ARG A 139 24.54 -15.23 20.72
N THR A 140 25.03 -16.31 21.35
CA THR A 140 25.14 -17.61 20.69
C THR A 140 23.85 -18.41 20.86
N GLU A 141 23.82 -19.62 20.30
CA GLU A 141 22.71 -20.55 20.57
C GLU A 141 22.91 -21.20 21.93
N PRO A 142 21.83 -21.41 22.70
CA PRO A 142 20.43 -21.23 22.31
C PRO A 142 19.82 -19.91 22.78
N THR A 143 20.54 -19.11 23.56
CA THR A 143 19.90 -17.95 24.18
C THR A 143 19.56 -16.84 23.21
N LEU A 144 20.10 -16.89 22.00
CA LEU A 144 19.67 -15.89 21.01
C LEU A 144 18.20 -15.99 20.63
N ASN A 145 17.52 -17.05 21.09
CA ASN A 145 16.08 -17.25 20.80
C ASN A 145 15.13 -16.85 21.92
N THR A 146 15.63 -16.13 22.94
CA THR A 146 14.75 -15.80 24.04
C THR A 146 13.57 -14.91 23.61
N ALA A 147 13.80 -14.04 22.62
CA ALA A 147 12.71 -13.35 21.92
C ALA A 147 11.84 -12.47 22.86
N ILE A 148 12.46 -11.86 23.86
CA ILE A 148 11.75 -11.06 24.85
C ILE A 148 11.24 -9.78 24.22
N PRO A 149 9.95 -9.46 24.43
CA PRO A 149 9.47 -8.25 23.75
C PRO A 149 10.29 -7.04 24.18
N GLY A 150 10.59 -6.16 23.22
CA GLY A 150 11.33 -4.94 23.53
C GLY A 150 12.85 -5.09 23.57
N ASP A 151 13.33 -6.33 23.62
CA ASP A 151 14.78 -6.57 23.73
C ASP A 151 15.38 -6.40 22.34
N PRO A 152 16.37 -5.51 22.18
CA PRO A 152 16.96 -5.33 20.84
C PRO A 152 17.98 -6.42 20.47
N ARG A 153 18.40 -7.25 21.43
CA ARG A 153 19.40 -8.29 21.10
C ARG A 153 18.88 -9.25 20.05
N ASP A 154 19.72 -9.55 19.08
CA ASP A 154 19.43 -10.63 18.11
C ASP A 154 18.18 -10.31 17.34
N THR A 155 18.09 -9.06 16.93
CA THR A 155 16.92 -8.59 16.15
C THR A 155 17.30 -8.00 14.80
N THR A 156 16.30 -7.89 13.92
CA THR A 156 16.41 -7.02 12.76
C THR A 156 15.03 -6.55 12.38
N THR A 157 14.92 -5.80 11.29
CA THR A 157 13.59 -5.44 10.79
C THR A 157 13.28 -6.24 9.52
N PRO A 158 11.99 -6.37 9.19
CA PRO A 158 11.67 -7.06 7.94
C PRO A 158 12.30 -6.38 6.72
N ARG A 159 12.22 -5.04 6.64
CA ARG A 159 12.81 -4.31 5.50
C ARG A 159 14.30 -4.64 5.34
N ALA A 160 15.05 -4.54 6.44
CA ALA A 160 16.48 -4.83 6.36
C ALA A 160 16.78 -6.26 5.95
N MET A 161 16.04 -7.21 6.52
N MET A 161 16.04 -7.21 6.52
CA MET A 161 16.34 -8.62 6.22
CA MET A 161 16.35 -8.62 6.21
C MET A 161 15.99 -8.99 4.78
C MET A 161 16.01 -8.98 4.77
N ALA A 162 14.93 -8.40 4.25
CA ALA A 162 14.57 -8.69 2.85
C ALA A 162 15.65 -8.11 1.93
N GLN A 163 16.13 -6.90 2.21
CA GLN A 163 17.14 -6.30 1.37
C GLN A 163 18.44 -7.16 1.40
N THR A 164 18.85 -7.56 2.59
N THR A 164 18.85 -7.54 2.61
CA THR A 164 20.09 -8.34 2.69
CA THR A 164 20.02 -8.38 2.77
C THR A 164 19.94 -9.78 2.12
C THR A 164 19.88 -9.71 2.03
N LEU A 165 18.75 -10.37 2.23
CA LEU A 165 18.54 -11.68 1.59
C LEU A 165 18.57 -11.52 0.08
N ARG A 166 18.02 -10.42 -0.45
CA ARG A 166 18.13 -10.17 -1.87
C ARG A 166 19.60 -10.01 -2.30
N GLN A 167 20.38 -9.24 -1.53
CA GLN A 167 21.78 -8.98 -1.94
C GLN A 167 22.57 -10.29 -1.92
N LEU A 168 22.27 -11.16 -0.96
CA LEU A 168 23.04 -12.39 -0.77
C LEU A 168 22.71 -13.45 -1.82
N THR A 169 21.43 -13.54 -2.19
CA THR A 169 20.97 -14.67 -3.04
C THR A 169 20.80 -14.28 -4.49
N LEU A 170 20.52 -13.00 -4.75
CA LEU A 170 20.21 -12.55 -6.11
C LEU A 170 21.18 -11.49 -6.60
N GLY A 171 21.88 -10.88 -5.66
CA GLY A 171 22.77 -9.75 -5.90
C GLY A 171 24.22 -10.18 -5.79
N HIS A 172 25.09 -9.24 -5.46
CA HIS A 172 26.54 -9.46 -5.53
C HIS A 172 27.25 -9.26 -4.18
N ALA A 173 26.54 -9.49 -3.09
CA ALA A 173 27.21 -9.45 -1.78
C ALA A 173 28.25 -10.57 -1.66
N LEU A 174 27.97 -11.69 -2.33
CA LEU A 174 28.89 -12.81 -2.41
C LEU A 174 29.40 -13.00 -3.85
N GLY A 175 30.55 -13.66 -3.97
CA GLY A 175 31.04 -14.12 -5.27
C GLY A 175 30.04 -15.05 -5.89
N GLU A 176 30.10 -15.24 -7.21
CA GLU A 176 29.08 -16.05 -7.89
C GLU A 176 29.00 -17.50 -7.39
N THR A 177 30.16 -18.13 -7.17
CA THR A 177 30.19 -19.50 -6.71
C THR A 177 29.54 -19.59 -5.33
N GLN A 178 29.81 -18.60 -4.49
CA GLN A 178 29.26 -18.60 -3.13
C GLN A 178 27.76 -18.32 -3.11
N ARG A 179 27.33 -17.36 -3.92
CA ARG A 179 25.90 -17.07 -4.07
C ARG A 179 25.14 -18.32 -4.50
N ALA A 180 25.66 -19.04 -5.49
CA ALA A 180 25.03 -20.26 -5.96
C ALA A 180 24.99 -21.32 -4.84
N GLN A 181 26.08 -21.40 -4.05
CA GLN A 181 26.11 -22.37 -2.97
C GLN A 181 25.04 -22.04 -1.91
N LEU A 182 24.92 -20.76 -1.57
CA LEU A 182 23.89 -20.35 -0.62
C LEU A 182 22.49 -20.67 -1.14
N VAL A 183 22.24 -20.35 -2.40
CA VAL A 183 20.93 -20.66 -3.00
C VAL A 183 20.64 -22.17 -3.01
N THR A 184 21.64 -22.98 -3.32
CA THR A 184 21.49 -24.43 -3.28
C THR A 184 21.15 -24.90 -1.88
N TRP A 185 21.85 -24.37 -0.87
CA TRP A 185 21.52 -24.76 0.49
C TRP A 185 20.09 -24.39 0.88
N LEU A 186 19.69 -23.14 0.60
CA LEU A 186 18.34 -22.69 0.96
C LEU A 186 17.27 -23.50 0.26
N LYS A 187 17.48 -23.81 -1.03
CA LYS A 187 16.53 -24.62 -1.79
C LYS A 187 16.43 -26.04 -1.23
N GLY A 188 17.46 -26.49 -0.54
CA GLY A 188 17.46 -27.82 0.05
C GLY A 188 17.02 -27.84 1.51
N ASN A 189 16.48 -26.71 1.99
CA ASN A 189 15.99 -26.69 3.36
C ASN A 189 14.97 -27.80 3.63
N THR A 190 15.05 -28.41 4.82
CA THR A 190 14.08 -29.45 5.18
C THR A 190 12.91 -28.96 6.04
N THR A 191 13.00 -27.73 6.58
CA THR A 191 12.11 -27.29 7.67
C THR A 191 10.98 -26.35 7.23
N GLY A 192 10.86 -26.08 5.95
CA GLY A 192 10.08 -24.91 5.50
C GLY A 192 8.68 -25.14 4.91
N ALA A 193 8.23 -26.39 4.74
CA ALA A 193 6.98 -26.61 4.01
C ALA A 193 5.73 -26.05 4.65
N ALA A 194 5.73 -25.78 5.96
CA ALA A 194 4.55 -25.30 6.66
C ALA A 194 4.52 -23.79 6.81
N SER A 195 5.55 -23.11 6.31
CA SER A 195 5.71 -21.70 6.60
C SER A 195 5.39 -20.88 5.35
N ILE A 196 6.28 -20.01 4.88
CA ILE A 196 5.96 -19.19 3.70
C ILE A 196 5.52 -20.08 2.52
N ARG A 197 6.22 -21.18 2.31
CA ARG A 197 5.96 -21.99 1.14
C ARG A 197 4.56 -22.60 1.11
N ALA A 198 3.96 -22.75 2.29
CA ALA A 198 2.62 -23.30 2.35
C ALA A 198 1.60 -22.32 1.79
N GLY A 199 1.92 -21.03 1.73
CA GLY A 199 0.99 -20.03 1.20
C GLY A 199 1.22 -19.69 -0.26
N LEU A 200 2.20 -20.32 -0.90
CA LEU A 200 2.52 -20.03 -2.31
C LEU A 200 1.90 -21.06 -3.24
N PRO A 201 1.61 -20.67 -4.49
CA PRO A 201 1.17 -21.66 -5.48
C PRO A 201 2.22 -22.76 -5.59
N THR A 202 1.75 -23.99 -5.80
CA THR A 202 2.64 -25.14 -5.73
C THR A 202 3.60 -25.22 -6.91
N SER A 203 3.28 -24.51 -7.99
CA SER A 203 4.17 -24.49 -9.16
C SER A 203 5.45 -23.72 -8.89
N TRP A 204 5.40 -22.81 -7.92
CA TRP A 204 6.55 -21.96 -7.61
C TRP A 204 7.66 -22.76 -6.91
N THR A 205 8.89 -22.34 -7.12
CA THR A 205 9.98 -22.93 -6.36
C THR A 205 10.57 -21.88 -5.41
N ALA A 206 11.20 -22.34 -4.35
CA ALA A 206 11.71 -21.43 -3.33
C ALA A 206 12.82 -22.08 -2.52
N GLY A 207 13.59 -21.23 -1.85
CA GLY A 207 14.45 -21.66 -0.75
C GLY A 207 14.11 -20.82 0.44
N ASP A 208 14.34 -21.30 1.64
CA ASP A 208 13.98 -20.51 2.82
C ASP A 208 14.78 -20.94 4.02
N LYS A 209 14.75 -20.09 5.05
CA LYS A 209 15.23 -20.44 6.39
C LYS A 209 14.20 -20.06 7.42
N THR A 210 13.76 -21.04 8.20
CA THR A 210 12.79 -20.82 9.26
C THR A 210 13.49 -20.40 10.54
N GLY A 211 12.69 -19.97 11.51
CA GLY A 211 13.19 -19.74 12.85
C GLY A 211 12.03 -19.77 13.83
N SER A 212 12.31 -20.09 15.08
CA SER A 212 11.31 -20.02 16.15
C SER A 212 12.00 -19.76 17.47
N GLY A 213 11.22 -19.36 18.45
CA GLY A 213 11.79 -19.06 19.76
C GLY A 213 10.68 -18.93 20.80
N ASP A 214 11.03 -18.44 21.92
N ASP A 214 11.18 -18.30 22.06
CA ASP A 214 10.07 -18.11 22.96
CA ASP A 214 10.10 -18.08 23.01
C ASP A 214 9.10 -17.01 22.50
C ASP A 214 9.09 -17.04 22.49
N TYR A 215 8.08 -16.76 23.31
CA TYR A 215 7.02 -15.82 22.94
C TYR A 215 6.34 -16.28 21.63
N GLY A 216 6.36 -17.59 21.40
CA GLY A 216 5.68 -18.12 20.24
C GLY A 216 6.23 -17.53 18.95
N THR A 217 7.50 -17.15 18.97
CA THR A 217 8.08 -16.48 17.83
C THR A 217 8.25 -17.47 16.68
N THR A 218 7.77 -17.07 15.51
CA THR A 218 7.70 -17.96 14.35
C THR A 218 8.03 -17.18 13.13
N ASN A 219 9.14 -17.52 12.47
CA ASN A 219 9.74 -16.71 11.43
C ASN A 219 10.05 -17.52 10.18
N ASP A 220 10.21 -16.83 9.08
CA ASP A 220 10.67 -17.46 7.85
C ASP A 220 11.16 -16.39 6.92
N ILE A 221 12.28 -16.64 6.23
CA ILE A 221 12.75 -15.75 5.18
C ILE A 221 12.98 -16.60 3.92
N ALA A 222 12.54 -16.11 2.78
CA ALA A 222 12.50 -16.90 1.55
C ALA A 222 12.96 -16.12 0.31
N VAL A 223 13.55 -16.84 -0.64
CA VAL A 223 13.73 -16.38 -1.99
C VAL A 223 12.91 -17.30 -2.86
N ILE A 224 12.14 -16.70 -3.75
CA ILE A 224 11.05 -17.41 -4.43
C ILE A 224 11.18 -17.16 -5.92
N TRP A 225 10.99 -18.21 -6.70
CA TRP A 225 10.98 -18.11 -8.15
C TRP A 225 9.59 -18.49 -8.66
N PRO A 226 8.70 -17.49 -8.81
CA PRO A 226 7.33 -17.80 -9.26
C PRO A 226 7.39 -18.31 -10.69
N GLN A 227 6.38 -19.04 -11.03
CA GLN A 227 6.04 -19.38 -12.40
C GLN A 227 5.88 -18.12 -13.25
N GLY A 228 6.79 -17.92 -14.20
CA GLY A 228 6.62 -16.87 -15.21
C GLY A 228 6.91 -15.45 -14.77
N ARG A 229 7.53 -15.31 -13.60
CA ARG A 229 7.82 -13.99 -13.01
C ARG A 229 9.27 -13.95 -12.54
N ALA A 230 9.82 -12.74 -12.42
CA ALA A 230 11.11 -12.54 -11.76
C ALA A 230 11.05 -12.94 -10.30
N PRO A 231 12.21 -13.23 -9.69
CA PRO A 231 12.18 -13.73 -8.32
C PRO A 231 11.67 -12.70 -7.31
N LEU A 232 11.19 -13.23 -6.18
CA LEU A 232 10.76 -12.43 -5.05
C LEU A 232 11.61 -12.74 -3.85
N VAL A 233 11.70 -11.81 -2.93
CA VAL A 233 12.23 -12.08 -1.61
C VAL A 233 11.15 -11.73 -0.61
N LEU A 234 10.86 -12.63 0.32
CA LEU A 234 9.82 -12.43 1.30
C LEU A 234 10.27 -12.79 2.70
N VAL A 235 10.05 -11.89 3.64
CA VAL A 235 10.36 -12.12 5.03
C VAL A 235 9.05 -12.02 5.79
N THR A 236 8.78 -12.99 6.64
CA THR A 236 7.63 -12.98 7.52
C THR A 236 8.06 -13.31 8.94
N TYR A 237 7.89 -12.34 9.84
CA TYR A 237 8.26 -12.47 11.24
C TYR A 237 7.01 -12.39 12.09
N PHE A 238 6.92 -13.19 13.13
CA PHE A 238 5.72 -13.22 13.98
C PHE A 238 6.08 -13.51 15.44
N THR A 239 5.55 -12.73 16.36
CA THR A 239 5.86 -12.90 17.78
C THR A 239 4.62 -12.57 18.60
N GLN A 240 4.51 -13.17 19.77
CA GLN A 240 3.27 -13.18 20.55
C GLN A 240 3.53 -12.67 21.98
N PRO A 241 2.47 -12.23 22.67
CA PRO A 241 2.69 -11.53 23.95
C PRO A 241 3.03 -12.42 25.16
N GLN A 242 2.82 -13.74 25.09
CA GLN A 242 3.21 -14.59 26.26
C GLN A 242 4.36 -15.54 26.00
N GLN A 243 5.21 -15.71 27.00
N GLN A 243 5.19 -15.74 27.02
CA GLN A 243 6.44 -16.48 26.81
CA GLN A 243 6.44 -16.43 26.85
C GLN A 243 6.14 -17.87 26.28
C GLN A 243 6.26 -17.80 26.23
N ASN A 244 5.02 -18.45 26.71
N ASN A 244 5.22 -18.52 26.64
CA ASN A 244 4.75 -19.87 26.42
CA ASN A 244 5.05 -19.90 26.17
C ASN A 244 3.93 -20.15 25.15
C ASN A 244 3.86 -20.10 25.24
N ALA A 245 3.62 -19.10 24.40
CA ALA A 245 2.74 -19.21 23.24
C ALA A 245 3.23 -20.32 22.30
N GLU A 246 2.30 -20.95 21.59
CA GLU A 246 2.66 -22.00 20.65
C GLU A 246 3.11 -21.37 19.33
N SER A 247 3.93 -22.08 18.56
N SER A 247 3.92 -22.09 18.55
CA SER A 247 4.36 -21.56 17.26
CA SER A 247 4.31 -21.55 17.26
C SER A 247 3.21 -21.59 16.24
C SER A 247 3.09 -21.45 16.35
N ARG A 248 3.20 -20.59 15.35
CA ARG A 248 2.09 -20.36 14.42
C ARG A 248 2.64 -20.24 12.99
N ARG A 249 3.13 -21.36 12.45
CA ARG A 249 3.61 -21.38 11.08
C ARG A 249 2.47 -21.09 10.09
N ASP A 250 1.24 -21.43 10.48
CA ASP A 250 0.08 -21.12 9.67
C ASP A 250 -0.11 -19.62 9.43
N VAL A 251 0.29 -18.78 10.40
CA VAL A 251 0.18 -17.33 10.22
C VAL A 251 1.17 -16.87 9.14
N LEU A 252 2.36 -17.48 9.11
CA LEU A 252 3.31 -17.12 8.06
C LEU A 252 2.80 -17.57 6.69
N ALA A 253 2.22 -18.76 6.64
CA ALA A 253 1.57 -19.25 5.41
C ALA A 253 0.48 -18.28 4.91
N SER A 254 -0.34 -17.83 5.85
CA SER A 254 -1.44 -16.91 5.52
C SER A 254 -0.90 -15.60 5.00
N ALA A 255 0.13 -15.06 5.66
CA ALA A 255 0.74 -13.86 5.16
C ALA A 255 1.30 -14.04 3.74
N ALA A 256 2.00 -15.14 3.49
CA ALA A 256 2.52 -15.42 2.16
C ALA A 256 1.39 -15.53 1.12
N ARG A 257 0.25 -16.11 1.52
CA ARG A 257 -0.86 -16.28 0.58
C ARG A 257 -1.42 -14.89 0.22
N ILE A 258 -1.53 -14.01 1.21
CA ILE A 258 -2.02 -12.64 0.96
C ILE A 258 -1.07 -11.92 0.01
N ILE A 259 0.24 -12.04 0.26
CA ILE A 259 1.24 -11.45 -0.63
C ILE A 259 1.10 -12.02 -2.06
N ALA A 260 0.97 -13.33 -2.18
CA ALA A 260 0.96 -13.95 -3.52
C ALA A 260 -0.27 -13.50 -4.30
N GLU A 261 -1.39 -13.40 -3.60
CA GLU A 261 -2.67 -13.02 -4.20
C GLU A 261 -2.66 -11.54 -4.59
N GLY A 262 -1.80 -10.76 -3.95
CA GLY A 262 -1.70 -9.34 -4.26
C GLY A 262 -0.70 -8.97 -5.35
N LEU A 263 0.03 -9.94 -5.87
CA LEU A 263 0.95 -9.67 -6.97
C LEU A 263 0.16 -9.26 -8.20
N SER B 3 -1.25 18.73 -30.76
CA SER B 3 -2.36 19.75 -30.77
C SER B 3 -1.96 21.08 -30.13
N ALA B 4 -2.54 22.17 -30.63
CA ALA B 4 -2.25 23.52 -30.10
C ALA B 4 -2.77 23.71 -28.67
N VAL B 5 -3.97 23.21 -28.40
CA VAL B 5 -4.47 23.24 -27.03
C VAL B 5 -3.55 22.40 -26.14
N GLN B 6 -3.07 21.29 -26.69
CA GLN B 6 -2.04 20.47 -26.04
C GLN B 6 -0.80 21.25 -25.61
N GLN B 7 -0.26 22.03 -26.54
CA GLN B 7 0.95 22.81 -26.29
C GLN B 7 0.66 23.68 -25.05
N LYS B 8 -0.51 24.30 -25.05
CA LYS B 8 -0.81 25.32 -24.05
C LYS B 8 -1.05 24.72 -22.67
N LEU B 9 -1.71 23.56 -22.61
CA LEU B 9 -1.90 22.84 -21.36
C LEU B 9 -0.56 22.36 -20.77
N ALA B 10 0.31 21.80 -21.60
CA ALA B 10 1.64 21.40 -21.15
C ALA B 10 2.41 22.59 -20.58
N ALA B 11 2.29 23.74 -21.23
CA ALA B 11 3.02 24.92 -20.78
C ALA B 11 2.46 25.38 -19.44
N LEU B 12 1.14 25.35 -19.31
CA LEU B 12 0.52 25.75 -18.06
C LEU B 12 0.99 24.84 -16.93
N GLU B 13 0.96 23.54 -17.19
CA GLU B 13 1.43 22.59 -16.19
C GLU B 13 2.87 22.88 -15.78
N LYS B 14 3.76 23.01 -16.75
CA LYS B 14 5.15 23.29 -16.40
C LYS B 14 5.31 24.54 -15.50
N SER B 15 4.58 25.60 -15.83
CA SER B 15 4.70 26.84 -15.07
CA SER B 15 4.67 26.85 -15.09
C SER B 15 4.21 26.64 -13.65
N SER B 16 3.20 25.79 -13.51
CA SER B 16 2.53 25.54 -12.22
C SER B 16 3.39 24.75 -11.24
N GLY B 17 4.34 23.99 -11.76
CA GLY B 17 5.16 23.06 -10.95
C GLY B 17 4.48 21.79 -10.45
N GLY B 18 3.21 21.59 -10.80
CA GLY B 18 2.48 20.40 -10.37
C GLY B 18 2.10 19.48 -11.52
N ARG B 19 1.05 18.70 -11.31
CA ARG B 19 0.57 17.72 -12.27
C ARG B 19 -0.91 18.03 -12.57
N LEU B 20 -1.20 18.20 -13.84
CA LEU B 20 -2.51 18.68 -14.30
C LEU B 20 -3.19 17.61 -15.12
N GLY B 21 -4.47 17.36 -14.81
CA GLY B 21 -5.32 16.45 -15.60
C GLY B 21 -6.56 17.16 -16.12
N VAL B 22 -6.82 17.00 -17.41
CA VAL B 22 -7.94 17.69 -18.04
C VAL B 22 -8.67 16.72 -18.94
N ALA B 23 -9.99 16.73 -18.87
CA ALA B 23 -10.79 16.04 -19.83
C ALA B 23 -12.00 16.89 -20.17
N LEU B 24 -12.13 17.20 -21.46
CA LEU B 24 -13.28 17.89 -22.03
C LEU B 24 -14.09 16.93 -22.90
N ILE B 25 -15.40 16.96 -22.77
CA ILE B 25 -16.28 16.39 -23.78
C ILE B 25 -17.13 17.52 -24.34
N ASP B 26 -17.04 17.75 -25.65
CA ASP B 26 -17.93 18.72 -26.27
C ASP B 26 -19.10 17.96 -26.86
N THR B 27 -20.28 18.08 -26.25
CA THR B 27 -21.42 17.32 -26.73
C THR B 27 -21.96 17.83 -28.08
N ALA B 28 -21.43 18.93 -28.61
CA ALA B 28 -21.85 19.43 -29.92
C ALA B 28 -21.47 18.48 -31.01
N ASP B 29 -20.35 17.78 -30.81
CA ASP B 29 -19.74 16.94 -31.84
C ASP B 29 -19.02 15.72 -31.25
N ASN B 30 -19.15 15.52 -29.93
CA ASN B 30 -18.54 14.38 -29.23
C ASN B 30 -17.01 14.42 -29.23
N THR B 31 -16.45 15.58 -29.55
CA THR B 31 -15.00 15.67 -29.54
C THR B 31 -14.49 15.80 -28.10
N GLN B 32 -13.25 15.37 -27.88
CA GLN B 32 -12.62 15.41 -26.57
C GLN B 32 -11.29 16.14 -26.63
N VAL B 33 -10.93 16.71 -25.51
CA VAL B 33 -9.56 17.17 -25.28
C VAL B 33 -9.07 16.57 -23.98
N LEU B 34 -8.00 15.90 -24.05
CA LEU B 34 -7.45 15.12 -22.93
C LEU B 34 -6.02 15.52 -22.63
N TYR B 35 -5.72 15.69 -21.35
CA TYR B 35 -4.34 15.94 -20.91
C TYR B 35 -4.13 15.15 -19.63
N ARG B 36 -3.24 14.15 -19.68
CA ARG B 36 -3.14 13.15 -18.59
C ARG B 36 -4.53 12.63 -18.28
N GLY B 37 -5.28 12.36 -19.35
CA GLY B 37 -6.67 11.98 -19.20
C GLY B 37 -6.87 10.63 -18.52
N ASP B 38 -5.86 9.76 -18.60
CA ASP B 38 -5.94 8.42 -18.05
C ASP B 38 -5.07 8.20 -16.81
N GLU B 39 -4.51 9.27 -16.26
CA GLU B 39 -3.83 9.17 -14.97
C GLU B 39 -4.81 9.34 -13.81
N ARG B 40 -4.54 8.63 -12.72
CA ARG B 40 -5.34 8.81 -11.50
C ARG B 40 -4.96 10.07 -10.74
N PHE B 41 -5.97 10.73 -10.22
CA PHE B 41 -5.81 11.90 -9.34
C PHE B 41 -6.71 11.71 -8.13
N PRO B 42 -6.30 12.25 -6.99
CA PRO B 42 -7.20 12.25 -5.82
C PRO B 42 -8.38 13.19 -6.08
N MET B 43 -9.58 12.61 -5.99
CA MET B 43 -10.81 13.37 -6.27
C MET B 43 -11.12 14.47 -5.28
N CYS B 44 -10.77 14.26 -4.01
CA CYS B 44 -11.21 15.11 -2.90
C CYS B 44 -12.72 15.34 -3.04
N SER B 45 -13.22 16.55 -2.77
CA SER B 45 -14.65 16.74 -2.68
C SER B 45 -15.39 16.64 -4.02
N THR B 46 -14.69 16.53 -5.15
CA THR B 46 -15.42 16.20 -6.37
C THR B 46 -16.17 14.87 -6.27
N SER B 47 -15.73 13.99 -5.38
CA SER B 47 -16.43 12.74 -5.12
C SER B 47 -17.82 12.92 -4.53
N LYS B 48 -18.09 14.10 -3.99
CA LYS B 48 -19.42 14.38 -3.43
C LYS B 48 -20.51 14.28 -4.50
N VAL B 49 -20.15 14.56 -5.74
CA VAL B 49 -21.11 14.35 -6.83
C VAL B 49 -21.59 12.92 -6.95
N MET B 50 -20.66 11.96 -6.90
N MET B 50 -20.66 11.95 -6.90
CA MET B 50 -21.03 10.56 -7.01
CA MET B 50 -21.00 10.54 -7.01
C MET B 50 -21.89 10.10 -5.84
C MET B 50 -21.88 10.10 -5.83
N ALA B 51 -21.60 10.59 -4.63
CA ALA B 51 -22.38 10.21 -3.45
C ALA B 51 -23.80 10.79 -3.55
N ALA B 52 -23.92 12.06 -3.92
CA ALA B 52 -25.25 12.64 -4.04
C ALA B 52 -26.03 11.92 -5.14
N ALA B 53 -25.36 11.64 -6.25
CA ALA B 53 -26.04 10.96 -7.36
C ALA B 53 -26.49 9.57 -6.98
N ALA B 54 -25.70 8.86 -6.18
CA ALA B 54 -26.06 7.52 -5.71
C ALA B 54 -27.34 7.58 -4.86
N VAL B 55 -27.44 8.61 -4.00
CA VAL B 55 -28.65 8.76 -3.17
C VAL B 55 -29.85 9.13 -4.04
N LEU B 56 -29.63 9.96 -5.05
CA LEU B 56 -30.71 10.26 -6.02
C LEU B 56 -31.17 8.98 -6.73
N LYS B 57 -30.24 8.14 -7.15
CA LYS B 57 -30.65 6.85 -7.76
C LYS B 57 -31.48 6.01 -6.79
N GLN B 58 -31.08 5.93 -5.53
CA GLN B 58 -31.88 5.19 -4.54
C GLN B 58 -33.30 5.74 -4.44
N SER B 59 -33.43 7.06 -4.52
CA SER B 59 -34.75 7.72 -4.37
C SER B 59 -35.68 7.44 -5.52
N GLU B 60 -35.14 6.89 -6.62
CA GLU B 60 -36.01 6.49 -7.75
C GLU B 60 -36.97 5.37 -7.35
N THR B 61 -36.53 4.49 -6.46
CA THR B 61 -37.38 3.40 -5.99
C THR B 61 -37.85 3.56 -4.56
N GLN B 62 -37.05 4.21 -3.73
CA GLN B 62 -37.50 4.64 -2.39
C GLN B 62 -38.02 6.08 -2.47
N LYS B 63 -39.30 6.22 -2.80
CA LYS B 63 -39.85 7.46 -3.33
C LYS B 63 -39.78 8.67 -2.37
N GLN B 64 -39.88 8.40 -1.08
CA GLN B 64 -39.77 9.49 -0.10
C GLN B 64 -38.39 9.61 0.55
N LEU B 65 -37.41 8.92 0.01
CA LEU B 65 -36.08 8.88 0.61
C LEU B 65 -35.51 10.28 0.87
N LEU B 66 -35.66 11.20 -0.07
CA LEU B 66 -34.99 12.51 0.08
C LEU B 66 -35.57 13.32 1.24
N ASN B 67 -36.77 12.96 1.67
CA ASN B 67 -37.40 13.64 2.80
C ASN B 67 -37.17 12.97 4.15
N GLN B 68 -36.39 11.88 4.16
CA GLN B 68 -36.09 11.14 5.39
C GLN B 68 -35.22 11.99 6.32
N PRO B 69 -35.67 12.23 7.56
CA PRO B 69 -34.78 12.95 8.49
C PRO B 69 -33.64 12.07 8.95
N VAL B 70 -32.46 12.66 9.02
CA VAL B 70 -31.26 11.96 9.44
C VAL B 70 -30.70 12.74 10.64
N GLU B 71 -30.45 12.03 11.73
CA GLU B 71 -29.99 12.70 12.94
C GLU B 71 -28.54 13.18 12.80
N ILE B 72 -28.29 14.39 13.28
CA ILE B 72 -26.94 14.95 13.33
C ILE B 72 -26.53 15.05 14.81
N LYS B 73 -25.56 14.25 15.22
CA LYS B 73 -25.09 14.24 16.61
C LYS B 73 -23.83 15.07 16.70
N PRO B 74 -23.53 15.62 17.90
CA PRO B 74 -22.30 16.39 18.05
C PRO B 74 -21.07 15.61 17.59
N ALA B 75 -21.08 14.30 17.82
CA ALA B 75 -19.94 13.47 17.48
C ALA B 75 -19.76 13.27 15.96
N ASP B 76 -20.82 13.56 15.21
CA ASP B 76 -20.80 13.40 13.75
C ASP B 76 -20.01 14.51 13.09
N LEU B 77 -19.84 15.65 13.77
CA LEU B 77 -19.20 16.77 13.10
C LEU B 77 -17.77 16.41 12.82
N VAL B 78 -17.30 16.78 11.65
CA VAL B 78 -15.91 16.59 11.33
C VAL B 78 -15.23 17.94 11.21
N ASN B 79 -14.54 18.23 10.13
CA ASN B 79 -13.61 19.38 10.10
C ASN B 79 -14.12 20.58 9.28
N TYR B 80 -15.25 20.42 8.61
CA TYR B 80 -15.83 21.52 7.87
C TYR B 80 -17.32 21.24 7.68
N ASN B 81 -18.14 21.92 8.48
CA ASN B 81 -19.54 21.54 8.65
C ASN B 81 -20.42 22.78 8.64
N PRO B 82 -20.30 23.61 7.60
CA PRO B 82 -20.95 24.92 7.62
C PRO B 82 -22.47 24.82 7.73
N ILE B 83 -23.04 23.76 7.18
CA ILE B 83 -24.48 23.56 7.30
C ILE B 83 -24.86 22.67 8.47
N ALA B 84 -24.20 21.52 8.58
CA ALA B 84 -24.60 20.52 9.57
C ALA B 84 -24.44 21.03 11.01
N GLU B 85 -23.48 21.92 11.25
CA GLU B 85 -23.29 22.46 12.62
C GLU B 85 -24.53 23.16 13.14
N LYS B 86 -25.34 23.69 12.22
CA LYS B 86 -26.55 24.38 12.63
C LYS B 86 -27.62 23.41 13.12
N HIS B 87 -27.47 22.14 12.76
CA HIS B 87 -28.52 21.14 12.99
C HIS B 87 -28.12 20.06 13.97
N VAL B 88 -27.01 20.26 14.67
CA VAL B 88 -26.59 19.29 15.66
C VAL B 88 -27.69 19.13 16.71
N ASN B 89 -27.85 17.91 17.22
CA ASN B 89 -28.97 17.60 18.11
C ASN B 89 -30.33 17.82 17.48
N GLY B 90 -30.36 17.75 16.16
CA GLY B 90 -31.59 17.78 15.37
C GLY B 90 -31.39 16.89 14.18
N THR B 91 -32.09 17.22 13.12
CA THR B 91 -32.05 16.40 11.90
C THR B 91 -31.90 17.28 10.65
N MET B 92 -31.42 16.64 9.58
CA MET B 92 -31.50 17.18 8.23
C MET B 92 -32.06 16.09 7.34
N THR B 93 -32.75 16.45 6.27
CA THR B 93 -33.21 15.42 5.33
C THR B 93 -32.09 15.04 4.39
N LEU B 94 -32.25 13.93 3.68
CA LEU B 94 -31.23 13.55 2.71
C LEU B 94 -31.13 14.55 1.56
N ALA B 95 -32.23 15.21 1.20
CA ALA B 95 -32.13 16.29 0.21
C ALA B 95 -31.27 17.43 0.75
N GLU B 96 -31.54 17.83 2.00
CA GLU B 96 -30.75 18.90 2.63
C GLU B 96 -29.29 18.52 2.73
N LEU B 97 -29.00 17.28 3.08
CA LEU B 97 -27.61 16.79 3.16
C LEU B 97 -26.96 16.80 1.79
N SER B 98 -27.72 16.40 0.77
CA SER B 98 -27.17 16.41 -0.59
C SER B 98 -26.81 17.83 -1.03
N ALA B 99 -27.75 18.77 -0.85
CA ALA B 99 -27.50 20.17 -1.16
C ALA B 99 -26.31 20.71 -0.38
N ALA B 100 -26.24 20.37 0.90
CA ALA B 100 -25.12 20.87 1.72
C ALA B 100 -23.79 20.34 1.23
N ALA B 101 -23.74 19.04 0.93
CA ALA B 101 -22.49 18.44 0.45
C ALA B 101 -22.12 19.07 -0.91
N LEU B 102 -23.11 19.22 -1.80
CA LEU B 102 -22.77 19.74 -3.13
C LEU B 102 -22.49 21.22 -3.19
N GLN B 103 -23.36 22.02 -2.57
CA GLN B 103 -23.29 23.47 -2.76
C GLN B 103 -22.40 24.18 -1.77
N TYR B 104 -22.14 23.57 -0.62
CA TYR B 104 -21.27 24.15 0.45
C TYR B 104 -20.05 23.28 0.75
N SER B 105 -19.99 22.09 0.17
CA SER B 105 -18.88 21.16 0.37
C SER B 105 -18.80 20.72 1.83
N ASP B 106 -19.96 20.60 2.47
CA ASP B 106 -20.04 20.19 3.87
C ASP B 106 -19.57 18.73 4.04
N ASN B 107 -18.56 18.50 4.86
CA ASN B 107 -18.00 17.15 5.05
C ASN B 107 -18.85 16.25 5.94
N THR B 108 -19.57 16.81 6.91
CA THR B 108 -20.51 16.01 7.70
C THR B 108 -21.64 15.51 6.80
N ALA B 109 -22.14 16.42 5.96
CA ALA B 109 -23.20 16.03 5.02
C ALA B 109 -22.72 14.90 4.12
N MET B 110 -21.51 15.00 3.59
CA MET B 110 -20.97 13.93 2.73
C MET B 110 -20.90 12.60 3.52
N ASN B 111 -20.51 12.66 4.77
CA ASN B 111 -20.42 11.42 5.55
C ASN B 111 -21.80 10.81 5.73
N LYS B 112 -22.85 11.63 5.86
CA LYS B 112 -24.19 11.06 5.95
C LYS B 112 -24.62 10.42 4.63
N LEU B 113 -24.24 11.00 3.50
CA LEU B 113 -24.50 10.35 2.22
C LEU B 113 -23.78 9.01 2.10
N ILE B 114 -22.49 9.01 2.43
CA ILE B 114 -21.72 7.78 2.42
C ILE B 114 -22.38 6.71 3.30
N ALA B 115 -22.83 7.09 4.50
CA ALA B 115 -23.46 6.10 5.42
C ALA B 115 -24.77 5.56 4.85
N GLN B 116 -25.56 6.42 4.21
CA GLN B 116 -26.84 6.02 3.62
C GLN B 116 -26.60 4.99 2.52
N LEU B 117 -25.41 5.04 1.90
CA LEU B 117 -25.03 4.11 0.82
C LEU B 117 -24.27 2.87 1.32
N GLY B 118 -24.09 2.76 2.63
CA GLY B 118 -23.43 1.60 3.23
C GLY B 118 -21.92 1.69 3.24
N GLY B 119 -21.38 2.90 3.18
CA GLY B 119 -19.94 3.09 3.24
C GLY B 119 -19.36 3.48 1.88
N PRO B 120 -18.05 3.78 1.84
CA PRO B 120 -17.41 4.18 0.59
C PRO B 120 -17.61 3.14 -0.54
N GLY B 121 -17.63 1.86 -0.17
CA GLY B 121 -17.92 0.82 -1.18
C GLY B 121 -19.25 0.94 -1.88
N GLY B 122 -20.25 1.49 -1.18
CA GLY B 122 -21.57 1.69 -1.74
C GLY B 122 -21.53 2.76 -2.82
N VAL B 123 -20.72 3.78 -2.60
CA VAL B 123 -20.53 4.85 -3.60
C VAL B 123 -19.83 4.28 -4.83
N THR B 124 -18.79 3.46 -4.59
CA THR B 124 -18.12 2.77 -5.69
C THR B 124 -19.06 1.84 -6.45
N ALA B 125 -19.94 1.13 -5.73
CA ALA B 125 -20.87 0.22 -6.39
C ALA B 125 -21.79 0.98 -7.34
N PHE B 126 -22.25 2.15 -6.92
CA PHE B 126 -23.11 2.96 -7.78
C PHE B 126 -22.33 3.36 -9.05
N ALA B 127 -21.07 3.80 -8.87
CA ALA B 127 -20.25 4.11 -10.05
C ALA B 127 -20.19 2.94 -11.03
N ARG B 128 -19.97 1.73 -10.51
CA ARG B 128 -19.92 0.55 -11.38
C ARG B 128 -21.25 0.33 -12.08
N ALA B 129 -22.34 0.56 -11.35
CA ALA B 129 -23.67 0.33 -11.92
C ALA B 129 -23.96 1.26 -13.10
N ILE B 130 -23.33 2.42 -13.13
CA ILE B 130 -23.54 3.34 -14.23
C ILE B 130 -22.40 3.34 -15.24
N GLY B 131 -21.58 2.29 -15.19
CA GLY B 131 -20.57 2.08 -16.24
C GLY B 131 -19.19 2.67 -16.00
N ASP B 132 -18.93 3.14 -14.78
CA ASP B 132 -17.66 3.77 -14.44
C ASP B 132 -16.84 2.73 -13.69
N GLU B 133 -15.86 2.16 -14.38
CA GLU B 133 -15.02 1.10 -13.83
C GLU B 133 -13.76 1.63 -13.18
N THR B 134 -13.59 2.93 -13.20
CA THR B 134 -12.36 3.59 -12.77
C THR B 134 -12.44 4.23 -11.39
N PHE B 135 -13.54 4.95 -11.15
CA PHE B 135 -13.81 5.61 -9.87
C PHE B 135 -13.64 4.67 -8.70
N ARG B 136 -12.96 5.11 -7.63
CA ARG B 136 -13.05 4.35 -6.39
C ARG B 136 -13.11 5.29 -5.20
N LEU B 137 -14.06 5.05 -4.31
CA LEU B 137 -14.07 5.72 -2.99
C LEU B 137 -13.75 4.69 -1.93
N ASP B 138 -12.79 5.03 -1.07
CA ASP B 138 -12.21 4.07 -0.14
C ASP B 138 -12.39 4.52 1.30
N ARG B 139 -12.43 5.85 1.50
CA ARG B 139 -12.48 6.45 2.83
C ARG B 139 -13.64 7.44 3.00
N THR B 140 -13.93 7.77 4.25
CA THR B 140 -14.89 8.82 4.59
C THR B 140 -14.18 10.19 4.64
N GLU B 141 -14.93 11.24 4.95
CA GLU B 141 -14.31 12.52 5.29
C GLU B 141 -13.83 12.47 6.74
N PRO B 142 -12.68 13.10 7.04
CA PRO B 142 -11.89 13.93 6.13
C PRO B 142 -10.72 13.21 5.43
N THR B 143 -10.47 11.96 5.77
CA THR B 143 -9.22 11.32 5.32
C THR B 143 -9.19 11.04 3.83
N LEU B 144 -10.34 11.07 3.15
CA LEU B 144 -10.33 10.83 1.72
C LEU B 144 -9.60 11.93 0.95
N ASN B 145 -9.22 13.01 1.64
CA ASN B 145 -8.47 14.11 1.01
C ASN B 145 -6.96 14.14 1.21
N THR B 146 -6.38 13.07 1.75
CA THR B 146 -4.93 13.09 2.03
C THR B 146 -4.09 13.27 0.77
N ALA B 147 -4.60 12.81 -0.37
CA ALA B 147 -3.99 13.07 -1.68
C ALA B 147 -2.52 12.70 -1.78
N ILE B 148 -2.16 11.55 -1.24
CA ILE B 148 -0.76 11.15 -1.21
C ILE B 148 -0.31 10.73 -2.60
N PRO B 149 0.82 11.27 -3.06
CA PRO B 149 1.27 10.87 -4.40
C PRO B 149 1.41 9.34 -4.55
N GLY B 150 0.83 8.79 -5.61
CA GLY B 150 0.94 7.36 -5.87
C GLY B 150 -0.16 6.52 -5.24
N ASP B 151 -0.88 7.10 -4.28
CA ASP B 151 -1.94 6.39 -3.55
C ASP B 151 -3.21 6.27 -4.40
N PRO B 152 -3.68 5.05 -4.73
CA PRO B 152 -4.87 4.97 -5.59
C PRO B 152 -6.19 5.18 -4.84
N ARG B 153 -6.16 5.27 -3.52
CA ARG B 153 -7.40 5.40 -2.77
C ARG B 153 -8.10 6.71 -3.16
N ASP B 154 -9.42 6.66 -3.34
CA ASP B 154 -10.22 7.88 -3.53
C ASP B 154 -9.74 8.65 -4.76
N THR B 155 -9.51 7.92 -5.84
CA THR B 155 -9.04 8.50 -7.10
C THR B 155 -9.97 8.13 -8.27
N THR B 156 -9.85 8.93 -9.33
CA THR B 156 -10.35 8.53 -10.63
C THR B 156 -9.48 9.17 -11.71
N THR B 157 -9.79 8.95 -12.98
CA THR B 157 -9.09 9.65 -14.04
C THR B 157 -9.98 10.75 -14.61
N PRO B 158 -9.38 11.77 -15.24
CA PRO B 158 -10.20 12.84 -15.83
C PRO B 158 -11.16 12.28 -16.89
N ARG B 159 -10.67 11.37 -17.74
CA ARG B 159 -11.51 10.78 -18.78
C ARG B 159 -12.71 10.11 -18.17
N ALA B 160 -12.51 9.26 -17.16
CA ALA B 160 -13.63 8.56 -16.57
C ALA B 160 -14.61 9.51 -15.92
N MET B 161 -14.12 10.51 -15.18
N MET B 161 -14.11 10.51 -15.20
CA MET B 161 -15.03 11.39 -14.47
CA MET B 161 -15.01 11.40 -14.47
C MET B 161 -15.81 12.28 -15.43
C MET B 161 -15.81 12.27 -15.43
N ALA B 162 -15.19 12.69 -16.53
CA ALA B 162 -15.93 13.48 -17.54
C ALA B 162 -17.05 12.64 -18.14
N GLN B 163 -16.79 11.38 -18.50
CA GLN B 163 -17.81 10.56 -19.11
C GLN B 163 -18.95 10.32 -18.09
N THR B 164 -18.58 10.04 -16.85
CA THR B 164 -19.60 9.86 -15.82
C THR B 164 -20.41 11.13 -15.55
N LEU B 165 -19.75 12.28 -15.45
CA LEU B 165 -20.49 13.52 -15.23
C LEU B 165 -21.44 13.79 -16.41
N ARG B 166 -21.01 13.47 -17.63
CA ARG B 166 -21.91 13.58 -18.77
C ARG B 166 -23.11 12.68 -18.61
N GLN B 167 -22.89 11.42 -18.26
CA GLN B 167 -24.01 10.51 -18.11
C GLN B 167 -25.00 10.96 -17.04
N LEU B 168 -24.48 11.50 -15.94
CA LEU B 168 -25.30 11.88 -14.80
C LEU B 168 -26.10 13.15 -15.11
N THR B 169 -25.51 14.11 -15.80
CA THR B 169 -26.15 15.42 -15.93
C THR B 169 -26.86 15.63 -17.26
N LEU B 170 -26.41 14.94 -18.31
CA LEU B 170 -26.93 15.15 -19.67
C LEU B 170 -27.49 13.87 -20.27
N GLY B 171 -27.10 12.73 -19.70
CA GLY B 171 -27.57 11.41 -20.17
C GLY B 171 -28.59 10.82 -19.22
N HIS B 172 -28.59 9.48 -19.10
CA HIS B 172 -29.70 8.78 -18.45
C HIS B 172 -29.24 7.81 -17.38
N ALA B 173 -28.15 8.17 -16.68
CA ALA B 173 -27.71 7.40 -15.53
C ALA B 173 -28.75 7.52 -14.43
N LEU B 174 -29.43 8.67 -14.39
CA LEU B 174 -30.49 8.91 -13.43
C LEU B 174 -31.82 9.10 -14.13
N GLY B 175 -32.89 8.95 -13.38
CA GLY B 175 -34.22 9.29 -13.88
C GLY B 175 -34.33 10.77 -14.19
N GLU B 176 -35.31 11.16 -15.00
CA GLU B 176 -35.39 12.56 -15.42
C GLU B 176 -35.46 13.56 -14.28
N THR B 177 -36.31 13.31 -13.29
CA THR B 177 -36.46 14.25 -12.17
C THR B 177 -35.14 14.34 -11.39
N GLN B 178 -34.47 13.20 -11.23
CA GLN B 178 -33.24 13.16 -10.46
C GLN B 178 -32.10 13.84 -11.20
N ARG B 179 -31.97 13.63 -12.51
CA ARG B 179 -31.02 14.35 -13.34
C ARG B 179 -31.23 15.85 -13.16
N ALA B 180 -32.47 16.30 -13.26
CA ALA B 180 -32.75 17.73 -13.14
C ALA B 180 -32.37 18.24 -11.74
N GLN B 181 -32.66 17.44 -10.70
CA GLN B 181 -32.29 17.83 -9.34
C GLN B 181 -30.79 17.97 -9.19
N LEU B 182 -30.03 17.01 -9.71
CA LEU B 182 -28.57 17.11 -9.66
C LEU B 182 -28.05 18.34 -10.38
N VAL B 183 -28.62 18.65 -11.53
CA VAL B 183 -28.18 19.82 -12.29
C VAL B 183 -28.52 21.12 -11.54
N THR B 184 -29.73 21.18 -10.98
CA THR B 184 -30.11 22.34 -10.15
C THR B 184 -29.13 22.52 -9.02
N TRP B 185 -28.78 21.44 -8.33
CA TRP B 185 -27.84 21.59 -7.22
C TRP B 185 -26.48 22.08 -7.72
N LEU B 186 -25.95 21.53 -8.80
CA LEU B 186 -24.62 21.91 -9.26
C LEU B 186 -24.62 23.38 -9.70
N LYS B 187 -25.70 23.80 -10.35
CA LYS B 187 -25.84 25.20 -10.79
C LYS B 187 -25.91 26.18 -9.64
N GLY B 188 -26.34 25.72 -8.47
CA GLY B 188 -26.38 26.55 -7.27
C GLY B 188 -25.14 26.44 -6.42
N ASN B 189 -24.09 25.78 -6.92
CA ASN B 189 -22.86 25.72 -6.12
C ASN B 189 -22.38 27.11 -5.65
N THR B 190 -21.87 27.18 -4.43
CA THR B 190 -21.36 28.45 -3.91
C THR B 190 -19.85 28.59 -4.03
N THR B 191 -19.14 27.48 -4.31
CA THR B 191 -17.67 27.47 -4.13
C THR B 191 -16.86 27.62 -5.41
N GLY B 192 -17.51 27.84 -6.54
CA GLY B 192 -16.90 27.59 -7.85
C GLY B 192 -16.35 28.78 -8.62
N ALA B 193 -16.56 30.01 -8.14
CA ALA B 193 -16.32 31.15 -9.03
C ALA B 193 -14.85 31.39 -9.38
N ALA B 194 -13.90 30.84 -8.58
CA ALA B 194 -12.47 31.03 -8.85
C ALA B 194 -11.86 29.90 -9.66
N SER B 195 -12.64 28.88 -9.99
CA SER B 195 -12.05 27.65 -10.56
C SER B 195 -12.36 27.62 -12.06
N ILE B 196 -12.92 26.52 -12.58
CA ILE B 196 -13.23 26.43 -14.00
C ILE B 196 -13.99 27.67 -14.49
N ARG B 197 -15.00 28.07 -13.72
CA ARG B 197 -15.87 29.14 -14.20
C ARG B 197 -15.17 30.49 -14.36
N ALA B 198 -14.07 30.69 -13.64
CA ALA B 198 -13.30 31.94 -13.82
C ALA B 198 -12.60 32.04 -15.18
N GLY B 199 -12.47 30.89 -15.85
CA GLY B 199 -11.84 30.88 -17.17
C GLY B 199 -12.82 30.88 -18.34
N LEU B 200 -14.11 30.98 -18.04
CA LEU B 200 -15.14 30.88 -19.08
C LEU B 200 -15.67 32.27 -19.36
N PRO B 201 -16.14 32.51 -20.60
CA PRO B 201 -16.94 33.72 -20.89
C PRO B 201 -18.08 33.88 -19.89
N THR B 202 -18.30 35.11 -19.43
CA THR B 202 -19.22 35.32 -18.31
C THR B 202 -20.67 35.08 -18.70
N SER B 203 -20.92 35.04 -20.01
CA SER B 203 -22.27 34.85 -20.54
C SER B 203 -22.70 33.39 -20.47
N TRP B 204 -21.72 32.49 -20.41
CA TRP B 204 -21.99 31.07 -20.27
C TRP B 204 -22.57 30.74 -18.89
N THR B 205 -23.28 29.62 -18.83
N THR B 205 -23.43 29.74 -18.80
CA THR B 205 -23.96 29.15 -17.63
CA THR B 205 -23.80 29.29 -17.47
C THR B 205 -23.32 27.81 -17.24
C THR B 205 -23.12 27.96 -17.22
N ALA B 206 -23.09 27.58 -15.95
CA ALA B 206 -22.43 26.35 -15.56
C ALA B 206 -22.88 25.85 -14.21
N GLY B 207 -22.67 24.56 -13.97
CA GLY B 207 -22.73 24.03 -12.61
C GLY B 207 -21.44 23.25 -12.36
N ASP B 208 -20.97 23.25 -11.12
CA ASP B 208 -19.67 22.59 -10.86
C ASP B 208 -19.61 22.11 -9.42
N LYS B 209 -18.64 21.24 -9.16
CA LYS B 209 -18.25 20.85 -7.84
C LYS B 209 -16.74 20.91 -7.70
N THR B 210 -16.29 21.71 -6.75
CA THR B 210 -14.87 21.88 -6.44
C THR B 210 -14.38 20.78 -5.50
N GLY B 211 -13.07 20.67 -5.42
CA GLY B 211 -12.43 19.87 -4.35
C GLY B 211 -11.04 20.37 -4.05
N SER B 212 -10.57 20.09 -2.83
CA SER B 212 -9.18 20.38 -2.50
C SER B 212 -8.71 19.43 -1.41
N GLY B 213 -7.40 19.36 -1.23
CA GLY B 213 -6.80 18.41 -0.29
C GLY B 213 -5.35 18.76 -0.01
N ASP B 214 -4.72 17.85 0.64
CA ASP B 214 -3.28 18.04 0.88
C ASP B 214 -2.53 17.95 -0.47
N TYR B 215 -1.23 18.18 -0.41
CA TYR B 215 -0.43 18.31 -1.62
C TYR B 215 -0.95 19.37 -2.58
N GLY B 216 -1.58 20.40 -2.01
CA GLY B 216 -2.06 21.49 -2.83
C GLY B 216 -3.04 21.02 -3.90
N THR B 217 -3.75 19.94 -3.61
CA THR B 217 -4.68 19.36 -4.59
C THR B 217 -5.86 20.31 -4.77
N THR B 218 -6.11 20.64 -6.02
CA THR B 218 -7.11 21.66 -6.36
C THR B 218 -7.87 21.16 -7.58
N ASN B 219 -9.17 20.90 -7.41
CA ASN B 219 -9.95 20.20 -8.45
C ASN B 219 -11.24 20.93 -8.78
N ASP B 220 -11.80 20.64 -9.94
CA ASP B 220 -13.16 21.11 -10.25
C ASP B 220 -13.73 20.25 -11.38
N ILE B 221 -15.01 19.94 -11.29
CA ILE B 221 -15.68 19.26 -12.41
C ILE B 221 -16.94 20.07 -12.73
N ALA B 222 -17.23 20.22 -14.01
CA ALA B 222 -18.28 21.16 -14.42
C ALA B 222 -19.06 20.65 -15.60
N VAL B 223 -20.33 21.02 -15.63
CA VAL B 223 -21.13 20.94 -16.83
CA VAL B 223 -21.14 20.95 -16.84
C VAL B 223 -21.47 22.37 -17.23
N ILE B 224 -21.29 22.66 -18.52
CA ILE B 224 -21.26 24.04 -19.00
C ILE B 224 -22.21 24.15 -20.17
N TRP B 225 -22.98 25.25 -20.18
CA TRP B 225 -23.88 25.58 -21.26
C TRP B 225 -23.43 26.91 -21.91
N PRO B 226 -22.58 26.81 -22.94
CA PRO B 226 -22.11 28.03 -23.57
C PRO B 226 -23.25 28.70 -24.26
N GLN B 227 -23.03 30.00 -24.38
CA GLN B 227 -23.95 30.78 -25.19
C GLN B 227 -23.94 30.29 -26.65
N GLY B 228 -25.10 29.87 -27.12
CA GLY B 228 -25.23 29.54 -28.53
C GLY B 228 -24.89 28.13 -28.97
N ARG B 229 -24.21 27.35 -28.13
CA ARG B 229 -23.83 26.00 -28.52
C ARG B 229 -24.17 24.92 -27.49
N ALA B 230 -23.94 23.67 -27.88
CA ALA B 230 -24.31 22.51 -27.06
C ALA B 230 -23.43 22.45 -25.82
N PRO B 231 -23.88 21.72 -24.79
CA PRO B 231 -23.17 21.71 -23.51
C PRO B 231 -21.81 21.02 -23.57
N LEU B 232 -20.94 21.43 -22.66
CA LEU B 232 -19.64 20.80 -22.49
C LEU B 232 -19.59 20.15 -21.13
N VAL B 233 -18.74 19.15 -20.99
CA VAL B 233 -18.37 18.66 -19.68
C VAL B 233 -16.86 18.79 -19.54
N LEU B 234 -16.40 19.35 -18.41
CA LEU B 234 -14.98 19.60 -18.24
C LEU B 234 -14.55 19.22 -16.85
N VAL B 235 -13.49 18.40 -16.79
CA VAL B 235 -12.85 18.04 -15.53
C VAL B 235 -11.43 18.60 -15.53
N THR B 236 -11.07 19.28 -14.44
CA THR B 236 -9.72 19.79 -14.25
C THR B 236 -9.25 19.37 -12.87
N TYR B 237 -8.25 18.50 -12.82
CA TYR B 237 -7.66 18.04 -11.58
C TYR B 237 -6.19 18.51 -11.50
N PHE B 238 -5.74 18.90 -10.31
CA PHE B 238 -4.39 19.41 -10.18
C PHE B 238 -3.85 19.03 -8.82
N THR B 239 -2.61 18.54 -8.81
CA THR B 239 -1.97 18.23 -7.55
C THR B 239 -0.47 18.53 -7.61
N GLN B 240 0.18 18.68 -6.45
CA GLN B 240 1.53 19.27 -6.37
C GLN B 240 2.49 18.40 -5.55
N PRO B 241 3.82 18.65 -5.68
CA PRO B 241 4.77 17.71 -5.08
C PRO B 241 4.89 17.86 -3.55
N GLN B 242 4.65 19.05 -3.05
CA GLN B 242 4.86 19.31 -1.63
C GLN B 242 3.59 19.17 -0.81
N GLN B 243 3.69 18.43 0.29
CA GLN B 243 2.49 18.17 1.09
C GLN B 243 1.75 19.43 1.48
N ASN B 244 2.49 20.47 1.86
CA ASN B 244 1.90 21.73 2.32
C ASN B 244 1.71 22.79 1.22
N ALA B 245 1.68 22.36 -0.05
CA ALA B 245 1.53 23.33 -1.15
C ALA B 245 0.21 24.09 -1.02
N GLU B 246 0.22 25.34 -1.50
CA GLU B 246 -0.98 26.20 -1.49
C GLU B 246 -1.97 25.76 -2.58
N SER B 247 -3.26 25.96 -2.36
N SER B 247 -3.24 26.10 -2.36
CA SER B 247 -4.22 25.65 -3.42
CA SER B 247 -4.29 25.92 -3.37
C SER B 247 -4.09 26.66 -4.59
C SER B 247 -3.90 26.68 -4.65
N ARG B 248 -4.31 26.15 -5.80
CA ARG B 248 -4.05 26.87 -7.05
C ARG B 248 -5.32 26.84 -7.92
N ARG B 249 -6.39 27.46 -7.46
CA ARG B 249 -7.61 27.55 -8.26
C ARG B 249 -7.40 28.27 -9.60
N ASP B 250 -6.42 29.17 -9.62
CA ASP B 250 -6.06 29.90 -10.83
C ASP B 250 -5.59 28.96 -11.96
N VAL B 251 -5.00 27.82 -11.60
CA VAL B 251 -4.51 26.89 -12.61
C VAL B 251 -5.71 26.25 -13.30
N LEU B 252 -6.76 25.97 -12.53
CA LEU B 252 -7.97 25.41 -13.12
C LEU B 252 -8.64 26.43 -14.04
N ALA B 253 -8.71 27.68 -13.59
CA ALA B 253 -9.27 28.77 -14.40
C ALA B 253 -8.48 28.91 -15.72
N SER B 254 -7.13 28.81 -15.66
CA SER B 254 -6.28 28.93 -16.84
C SER B 254 -6.50 27.75 -17.77
N ALA B 255 -6.66 26.54 -17.22
CA ALA B 255 -6.95 25.39 -18.06
C ALA B 255 -8.28 25.59 -18.80
N ALA B 256 -9.31 26.04 -18.07
CA ALA B 256 -10.62 26.25 -18.67
C ALA B 256 -10.54 27.33 -19.75
N ARG B 257 -9.78 28.38 -19.51
CA ARG B 257 -9.62 29.47 -20.49
C ARG B 257 -8.99 28.94 -21.80
N ILE B 258 -7.97 28.10 -21.66
CA ILE B 258 -7.36 27.47 -22.82
C ILE B 258 -8.38 26.64 -23.61
N ILE B 259 -9.18 25.87 -22.88
CA ILE B 259 -10.18 25.02 -23.50
C ILE B 259 -11.22 25.86 -24.25
N ALA B 260 -11.67 26.94 -23.59
CA ALA B 260 -12.71 27.78 -24.16
C ALA B 260 -12.24 28.47 -25.45
N GLU B 261 -11.01 28.97 -25.42
CA GLU B 261 -10.47 29.67 -26.57
C GLU B 261 -10.11 28.70 -27.69
N GLY B 262 -9.99 27.43 -27.35
CA GLY B 262 -9.67 26.40 -28.33
C GLY B 262 -10.89 25.80 -29.01
N LEU B 263 -12.08 26.10 -28.51
CA LEU B 263 -13.31 25.70 -29.20
C LEU B 263 -13.42 26.51 -30.48
O26 0J7 C . 16.74 -22.99 20.46
C13 0J7 C . 15.53 -22.74 20.45
N12 0J7 C . 14.74 -23.15 19.44
C8 0J7 C . 15.23 -23.73 18.25
C7 0J7 C . 14.48 -23.47 17.08
C9 0J7 C . 16.40 -24.51 18.16
C10 0J7 C . 16.79 -24.95 16.89
C11 0J7 C . 16.04 -24.65 15.74
C6 0J7 C . 14.85 -23.94 15.82
C5 0J7 C . 14.03 -23.60 14.62
N4 0J7 C . 14.47 -23.65 13.33
N3 0J7 C . 13.41 -23.29 12.47
N2 0J7 C . 12.30 -23.06 13.30
N1 0J7 C . 12.70 -23.31 14.60
C14 0J7 C . 14.93 -22.06 21.66
C19 0J7 C . 13.57 -21.79 21.78
C18 0J7 C . 13.06 -21.17 22.92
C17 0J7 C . 13.88 -20.77 23.96
C16 0J7 C . 15.24 -21.01 23.85
C15 0J7 C . 15.76 -21.64 22.71
C20 0J7 C . 16.15 -20.65 24.99
N25 0J7 C . 15.74 -19.81 25.96
C24 0J7 C . 16.52 -19.49 26.99
C23 0J7 C . 17.78 -20.02 27.03
C22 0J7 C . 18.21 -20.88 26.04
N21 0J7 C . 17.39 -21.18 25.03
O26 0J7 D . 37.72 -10.41 16.56
C13 0J7 D . 37.06 -11.30 17.10
N12 0J7 D . 35.79 -11.19 17.52
C8 0J7 D . 34.91 -10.11 17.36
C7 0J7 D . 35.11 -9.15 16.37
C9 0J7 D . 33.77 -10.06 18.17
C10 0J7 D . 32.86 -9.03 18.06
C11 0J7 D . 33.06 -8.06 17.08
C6 0J7 D . 34.18 -8.12 16.27
C5 0J7 D . 34.36 -7.06 15.24
N4 0J7 D . 35.10 -7.19 14.11
N3 0J7 D . 35.01 -5.99 13.40
N2 0J7 D . 34.19 -5.13 14.14
N1 0J7 D . 33.78 -5.84 15.28
C14 0J7 D . 37.68 -12.61 17.39
C19 0J7 D . 37.37 -13.27 18.58
C18 0J7 D . 37.98 -14.51 18.84
C17 0J7 D . 38.79 -15.12 17.88
C16 0J7 D . 39.09 -14.45 16.68
C15 0J7 D . 38.50 -13.21 16.43
C20 0J7 D . 39.96 -15.08 15.63
N25 0J7 D . 39.92 -14.62 14.35
C24 0J7 D . 40.68 -15.16 13.38
C23 0J7 D . 41.48 -16.24 13.68
C22 0J7 D . 41.50 -16.73 15.00
N21 0J7 D . 40.75 -16.14 15.95
O26 0J7 E . 14.56 -26.99 20.20
C13 0J7 E . 13.61 -26.22 20.21
N12 0J7 E . 12.91 -25.89 19.10
C8 0J7 E . 13.21 -26.42 17.84
C7 0J7 E . 12.38 -26.34 16.71
C9 0J7 E . 14.44 -27.06 17.74
C10 0J7 E . 14.85 -27.61 16.54
C11 0J7 E . 14.03 -27.55 15.43
C6 0J7 E . 12.81 -26.90 15.49
C5 0J7 E . 12.05 -26.96 14.19
N4 0J7 E . 12.65 -27.02 12.98
N3 0J7 E . 11.67 -27.14 11.97
N2 0J7 E . 10.43 -27.19 12.64
N1 0J7 E . 10.70 -27.10 14.02
C14 0J7 E . 13.21 -25.61 21.53
C19 0J7 E . 11.89 -25.21 21.70
C18 0J7 E . 11.49 -24.60 22.89
C17 0J7 E . 12.40 -24.40 23.90
C16 0J7 E . 13.73 -24.80 23.76
C15 0J7 E . 14.15 -25.39 22.55
C20 0J7 E . 14.67 -24.48 24.86
N25 0J7 E . 14.24 -23.66 25.86
C24 0J7 E . 15.07 -23.30 26.86
C23 0J7 E . 16.38 -23.74 26.85
C22 0J7 E . 16.82 -24.56 25.81
N21 0J7 E . 15.96 -24.90 24.83
O26 0J7 F . -11.14 18.03 4.47
C13 0J7 F . -10.23 18.59 3.83
N12 0J7 F . -10.49 19.62 3.00
C8 0J7 F . -11.78 20.08 2.64
C7 0J7 F . -11.92 20.61 1.35
C9 0J7 F . -12.89 19.98 3.49
C10 0J7 F . -14.12 20.44 3.02
C11 0J7 F . -14.26 20.95 1.71
C6 0J7 F . -13.15 21.09 0.90
C5 0J7 F . -13.28 21.72 -0.46
N4 0J7 F . -14.39 21.76 -1.22
N3 0J7 F . -14.10 22.44 -2.42
N2 0J7 F . -12.74 22.78 -2.40
N1 0J7 F . -12.28 22.33 -1.16
C14 0J7 F . -8.81 18.14 4.05
C19 0J7 F . -7.71 18.75 3.44
C18 0J7 F . -6.42 18.30 3.68
C17 0J7 F . -6.19 17.22 4.54
C16 0J7 F . -7.28 16.61 5.17
C15 0J7 F . -8.57 17.08 4.92
C20 0J7 F . -7.05 15.51 6.13
N25 0J7 F . -5.90 14.77 6.09
C24 0J7 F . -5.68 13.80 6.97
C23 0J7 F . -6.59 13.56 7.97
C22 0J7 F . -7.73 14.34 8.03
N21 0J7 F . -7.94 15.29 7.13
O26 0J7 G . -11.20 22.47 5.68
C13 0J7 G . -10.28 22.47 4.88
N12 0J7 G . -10.45 22.98 3.64
C8 0J7 G . -11.69 23.52 3.25
C7 0J7 G . -12.00 23.96 1.96
C9 0J7 G . -12.65 23.59 4.24
C10 0J7 G . -13.91 24.09 3.96
C11 0J7 G . -14.22 24.53 2.68
C6 0J7 G . -13.28 24.45 1.68
C5 0J7 G . -13.74 24.98 0.36
N4 0J7 G . -13.43 26.19 -0.16
N3 0J7 G . -14.12 26.38 -1.37
N2 0J7 G . -14.89 25.22 -1.56
N1 0J7 G . -14.67 24.39 -0.45
C14 0J7 G . -8.95 21.88 5.30
C19 0J7 G . -7.80 22.27 4.64
C18 0J7 G . -6.56 21.75 4.97
C17 0J7 G . -6.47 20.81 5.99
C16 0J7 G . -7.61 20.42 6.68
C15 0J7 G . -8.86 20.93 6.33
C20 0J7 G . -7.44 19.36 7.72
N25 0J7 G . -8.52 18.90 8.43
C24 0J7 G . -8.38 17.91 9.33
C23 0J7 G . -7.13 17.32 9.51
C22 0J7 G . -6.05 17.78 8.76
N21 0J7 G . -6.23 18.77 7.87
S DMS H . -13.89 7.37 -24.16
O DMS H . -12.75 8.73 -24.04
C1 DMS H . -12.95 5.81 -24.28
C2 DMS H . -14.62 7.21 -22.51
#